data_2QCH
#
_entry.id   2QCH
#
_cell.length_a   69.580
_cell.length_b   61.998
_cell.length_c   70.565
_cell.angle_alpha   90.00
_cell.angle_beta   113.27
_cell.angle_gamma   90.00
#
_symmetry.space_group_name_H-M   'P 1 21 1'
#
loop_
_entity.id
_entity.type
_entity.pdbx_description
1 polymer "Uridine 5'-monophosphate synthase (UMP synthase)"
2 non-polymer 'IODIDE ION'
3 non-polymer "5-IODO-2'-DEOXYURIDINE-5'-MONOPHOSPHATE"
4 non-polymer "2'-DEOXYURIDINE 5'-MONOPHOSPHATE"
5 water water
#
_entity_poly.entity_id   1
_entity_poly.type   'polypeptide(L)'
_entity_poly.pdbx_seq_one_letter_code
;GAMELSFGARAELPRIHPVASKLLRLMQKKETNLCLSADVSLARELLQLADALGPSICMLKTHVDILNDFTLDVMKELIT
LAKCHEFLIFEDRKFADIGNTVKKQYEGGIFKIASWADLVNAHVVPGSGVVKGLQEVGLPLHRGCLLIAEMSSTGSLATG
DYTRAAVRMAEEHSEFVVGFISGSRVSMKPEFLHLTPGVQLEAGGDNLGQQYNSPQEVIGKRGSDIIIVGRGIISAADRL
EAAEMYRKAAWEAYLSRLGV
;
_entity_poly.pdbx_strand_id   A,B
#
# COMPACT_ATOMS: atom_id res chain seq x y z
N GLU A 4 2.15 31.79 -15.25
CA GLU A 4 1.51 30.49 -15.58
C GLU A 4 1.93 30.02 -16.97
N LEU A 5 2.34 28.77 -17.07
CA LEU A 5 2.75 28.19 -18.34
C LEU A 5 1.76 27.11 -18.76
N SER A 6 1.74 26.85 -20.06
CA SER A 6 0.86 25.83 -20.63
C SER A 6 1.52 24.48 -20.52
N PHE A 7 0.73 23.42 -20.65
CA PHE A 7 1.29 22.08 -20.61
C PHE A 7 2.44 21.94 -21.61
N GLY A 8 2.28 22.55 -22.78
CA GLY A 8 3.28 22.49 -23.84
C GLY A 8 4.59 23.16 -23.50
N ALA A 9 4.52 24.34 -22.89
CA ALA A 9 5.70 25.05 -22.41
C ALA A 9 6.37 24.25 -21.29
N ARG A 10 5.60 23.83 -20.30
CA ARG A 10 6.15 23.09 -19.17
C ARG A 10 6.89 21.83 -19.62
N ALA A 11 6.42 21.19 -20.68
CA ALA A 11 7.05 19.98 -21.24
C ALA A 11 8.48 20.19 -21.77
N GLU A 12 8.86 21.46 -21.96
CA GLU A 12 10.18 21.82 -22.45
C GLU A 12 11.02 22.43 -21.34
N LEU A 13 10.52 22.42 -20.10
CA LEU A 13 11.26 23.01 -18.99
C LEU A 13 12.61 22.31 -18.84
N PRO A 14 13.67 23.06 -18.52
CA PRO A 14 15.00 22.46 -18.46
C PRO A 14 15.09 21.25 -17.54
N ARG A 15 14.56 21.38 -16.33
CA ARG A 15 14.68 20.35 -15.31
C ARG A 15 13.50 19.38 -15.30
N ILE A 16 12.98 19.00 -16.48
CA ILE A 16 11.79 18.14 -16.55
C ILE A 16 12.06 16.68 -16.97
N HIS A 17 11.37 15.79 -16.27
CA HIS A 17 11.48 14.37 -16.48
C HIS A 17 10.94 13.97 -17.85
N PRO A 18 11.66 13.10 -18.58
CA PRO A 18 11.20 12.51 -19.85
C PRO A 18 9.75 11.99 -19.87
N VAL A 19 9.29 11.43 -18.76
CA VAL A 19 7.92 10.91 -18.66
C VAL A 19 6.90 12.04 -18.57
N ALA A 20 7.19 13.05 -17.75
CA ALA A 20 6.30 14.21 -17.58
C ALA A 20 6.19 15.03 -18.87
N SER A 21 7.33 15.24 -19.51
CA SER A 21 7.40 15.88 -20.80
C SER A 21 6.53 15.13 -21.83
N LYS A 22 6.69 13.81 -21.90
CA LYS A 22 5.87 12.99 -22.80
C LYS A 22 4.40 13.19 -22.47
N LEU A 23 4.04 13.10 -21.19
CA LEU A 23 2.67 13.33 -20.73
C LEU A 23 2.13 14.69 -21.14
N LEU A 24 2.82 15.73 -20.72
CA LEU A 24 2.39 17.10 -20.96
C LEU A 24 2.21 17.45 -22.44
N ARG A 25 2.98 16.80 -23.32
CA ARG A 25 2.88 17.06 -24.76
C ARG A 25 1.57 16.48 -25.30
N LEU A 26 1.27 15.25 -24.91
CA LEU A 26 0.04 14.60 -25.36
C LEU A 26 -1.20 15.25 -24.74
N MET A 27 -1.09 15.74 -23.51
CA MET A 27 -2.14 16.57 -22.91
C MET A 27 -2.43 17.75 -23.82
N GLN A 28 -1.40 18.52 -24.15
CA GLN A 28 -1.53 19.69 -25.02
C GLN A 28 -2.02 19.28 -26.40
N LYS A 29 -1.36 18.31 -27.02
CA LYS A 29 -1.78 17.83 -28.33
C LYS A 29 -3.26 17.46 -28.33
N LYS A 30 -3.69 16.68 -27.34
CA LYS A 30 -5.04 16.08 -27.37
C LYS A 30 -6.10 16.90 -26.65
N GLU A 31 -5.71 17.99 -26.00
CA GLU A 31 -6.61 18.80 -25.20
C GLU A 31 -7.36 17.98 -24.13
N THR A 32 -6.60 17.24 -23.34
CA THR A 32 -7.15 16.55 -22.18
C THR A 32 -6.17 16.56 -21.01
N ASN A 33 -6.71 16.87 -19.82
CA ASN A 33 -6.01 16.64 -18.56
C ASN A 33 -6.87 15.75 -17.66
N LEU A 34 -7.38 14.68 -18.26
CA LEU A 34 -8.23 13.74 -17.58
C LEU A 34 -7.48 12.42 -17.45
N CYS A 35 -7.34 11.97 -16.22
CA CYS A 35 -6.93 10.59 -15.97
C CYS A 35 -8.18 9.77 -15.63
N LEU A 36 -8.37 8.66 -16.35
CA LEU A 36 -9.45 7.72 -16.10
C LEU A 36 -9.02 6.65 -15.10
N SER A 37 -9.78 6.51 -14.01
CA SER A 37 -9.51 5.46 -13.05
C SER A 37 -10.38 4.26 -13.43
N ALA A 38 -9.76 3.27 -14.06
CA ALA A 38 -10.46 2.08 -14.53
C ALA A 38 -10.57 1.00 -13.45
N ASP A 39 -11.46 1.21 -12.47
CA ASP A 39 -11.61 0.29 -11.34
C ASP A 39 -12.60 -0.82 -11.65
N VAL A 40 -12.24 -1.63 -12.63
CA VAL A 40 -13.05 -2.76 -13.08
C VAL A 40 -12.28 -4.03 -12.78
N SER A 41 -12.99 -5.16 -12.77
CA SER A 41 -12.40 -6.42 -12.40
C SER A 41 -12.35 -7.42 -13.55
N LEU A 42 -12.76 -6.98 -14.74
CA LEU A 42 -12.66 -7.81 -15.95
C LEU A 42 -11.73 -7.15 -16.98
N ALA A 43 -10.79 -7.94 -17.49
CA ALA A 43 -9.81 -7.48 -18.50
C ALA A 43 -10.46 -7.00 -19.80
N ARG A 44 -11.61 -7.58 -20.15
CA ARG A 44 -12.29 -7.21 -21.40
C ARG A 44 -12.92 -5.82 -21.30
N GLU A 45 -13.39 -5.46 -20.10
CA GLU A 45 -14.01 -4.16 -19.85
C GLU A 45 -12.94 -3.08 -19.75
N LEU A 46 -11.82 -3.40 -19.09
CA LEU A 46 -10.65 -2.50 -19.04
C LEU A 46 -10.20 -2.12 -20.46
N LEU A 47 -10.06 -3.12 -21.33
CA LEU A 47 -9.60 -2.91 -22.70
C LEU A 47 -10.63 -2.22 -23.59
N GLN A 48 -11.91 -2.47 -23.32
CA GLN A 48 -12.98 -1.83 -24.08
C GLN A 48 -13.09 -0.35 -23.69
N LEU A 49 -12.87 -0.05 -22.41
CA LEU A 49 -12.83 1.35 -21.94
C LEU A 49 -11.58 2.10 -22.40
N ALA A 50 -10.40 1.55 -22.16
CA ALA A 50 -9.15 2.06 -22.75
C ALA A 50 -9.24 2.40 -24.25
N ASP A 51 -9.79 1.48 -25.05
CA ASP A 51 -9.91 1.70 -26.50
C ASP A 51 -10.88 2.84 -26.79
N ALA A 52 -12.06 2.79 -26.18
CA ALA A 52 -13.10 3.80 -26.44
C ALA A 52 -12.75 5.16 -25.88
N LEU A 53 -12.17 5.17 -24.69
CA LEU A 53 -11.92 6.45 -24.01
C LEU A 53 -10.48 6.95 -24.18
N GLY A 54 -9.65 6.14 -24.80
CA GLY A 54 -8.26 6.50 -25.10
C GLY A 54 -8.08 7.92 -25.62
N PRO A 55 -8.73 8.25 -26.75
CA PRO A 55 -8.60 9.60 -27.32
C PRO A 55 -8.98 10.76 -26.39
N SER A 56 -9.80 10.48 -25.38
CA SER A 56 -10.27 11.48 -24.43
C SER A 56 -9.36 11.69 -23.22
N ILE A 57 -8.41 10.78 -22.99
CA ILE A 57 -7.62 10.79 -21.74
C ILE A 57 -6.14 11.05 -21.97
N CYS A 58 -5.50 11.72 -21.00
CA CYS A 58 -4.03 11.82 -20.95
C CYS A 58 -3.40 10.64 -20.19
N MET A 59 -4.21 9.91 -19.42
CA MET A 59 -3.68 8.84 -18.57
C MET A 59 -4.76 7.82 -18.20
N LEU A 60 -4.35 6.55 -18.13
CA LEU A 60 -5.18 5.49 -17.57
C LEU A 60 -4.59 5.02 -16.24
N LYS A 61 -5.35 5.17 -15.15
CA LYS A 61 -4.90 4.71 -13.83
C LYS A 61 -5.49 3.33 -13.61
N THR A 62 -4.62 2.35 -13.36
CA THR A 62 -5.04 0.97 -13.14
C THR A 62 -4.86 0.51 -11.69
N HIS A 63 -5.66 -0.49 -11.33
CA HIS A 63 -5.50 -1.27 -10.10
C HIS A 63 -5.46 -2.72 -10.57
N VAL A 64 -4.31 -3.16 -11.06
CA VAL A 64 -4.12 -4.51 -11.58
C VAL A 64 -4.53 -5.60 -10.59
N ASP A 65 -4.35 -5.32 -9.30
CA ASP A 65 -4.58 -6.31 -8.24
C ASP A 65 -6.06 -6.52 -7.90
N ILE A 66 -6.95 -5.86 -8.64
CA ILE A 66 -8.38 -6.12 -8.50
C ILE A 66 -8.98 -6.71 -9.79
N LEU A 67 -8.14 -6.95 -10.80
CA LEU A 67 -8.53 -7.63 -12.04
C LEU A 67 -8.56 -9.14 -11.86
N ASN A 68 -9.74 -9.73 -11.98
CA ASN A 68 -9.93 -11.16 -11.73
C ASN A 68 -9.21 -12.04 -12.73
N ASP A 69 -8.92 -11.49 -13.92
CA ASP A 69 -8.32 -12.26 -15.02
C ASP A 69 -7.07 -11.57 -15.58
N PHE A 70 -6.27 -10.97 -14.70
CA PHE A 70 -4.98 -10.40 -15.09
C PHE A 70 -4.07 -11.44 -15.74
N THR A 71 -3.45 -11.03 -16.85
CA THR A 71 -2.28 -11.71 -17.43
C THR A 71 -1.35 -10.62 -17.94
N LEU A 72 -0.10 -10.94 -18.19
CA LEU A 72 0.85 -9.95 -18.73
C LEU A 72 0.51 -9.67 -20.18
N ASP A 73 -0.22 -10.59 -20.80
CA ASP A 73 -0.75 -10.41 -22.14
C ASP A 73 -1.82 -9.32 -22.19
N VAL A 74 -2.61 -9.20 -21.13
CA VAL A 74 -3.60 -8.12 -21.05
C VAL A 74 -2.90 -6.77 -21.05
N MET A 75 -1.80 -6.67 -20.31
CA MET A 75 -1.05 -5.41 -20.23
C MET A 75 -0.39 -5.07 -21.57
N LYS A 76 0.03 -6.09 -22.30
CA LYS A 76 0.57 -5.92 -23.64
C LYS A 76 -0.47 -5.21 -24.50
N GLU A 77 -1.69 -5.74 -24.49
CA GLU A 77 -2.80 -5.17 -25.26
C GLU A 77 -3.19 -3.78 -24.76
N LEU A 78 -3.11 -3.55 -23.46
CA LEU A 78 -3.26 -2.20 -22.88
C LEU A 78 -2.17 -1.26 -23.37
N ILE A 79 -0.92 -1.75 -23.40
CA ILE A 79 0.20 -0.96 -23.91
C ILE A 79 -0.01 -0.56 -25.37
N THR A 80 -0.48 -1.51 -26.17
CA THR A 80 -0.81 -1.26 -27.58
C THR A 80 -1.83 -0.16 -27.79
N LEU A 81 -2.90 -0.19 -26.99
CA LEU A 81 -3.92 0.85 -27.00
C LEU A 81 -3.34 2.18 -26.56
N ALA A 82 -2.49 2.14 -25.52
CA ALA A 82 -1.87 3.35 -24.98
C ALA A 82 -0.97 4.04 -26.01
N LYS A 83 -0.24 3.24 -26.78
CA LYS A 83 0.58 3.77 -27.89
C LYS A 83 -0.30 4.35 -29.01
N CYS A 84 -1.34 3.61 -29.37
CA CYS A 84 -2.23 3.98 -30.46
C CYS A 84 -2.94 5.30 -30.15
N HIS A 85 -3.49 5.41 -28.94
CA HIS A 85 -4.30 6.57 -28.54
C HIS A 85 -3.53 7.65 -27.76
N GLU A 86 -2.26 7.38 -27.46
CA GLU A 86 -1.39 8.31 -26.71
C GLU A 86 -1.92 8.70 -25.34
N PHE A 87 -1.86 7.76 -24.40
CA PHE A 87 -2.04 8.05 -22.99
C PHE A 87 -0.99 7.28 -22.18
N LEU A 88 -0.70 7.74 -20.98
CA LEU A 88 0.23 7.05 -20.10
C LEU A 88 -0.50 6.03 -19.23
N ILE A 89 0.16 4.90 -18.96
CA ILE A 89 -0.34 3.93 -17.97
C ILE A 89 0.23 4.15 -16.57
N PHE A 90 -0.68 4.32 -15.61
CA PHE A 90 -0.33 4.60 -14.21
C PHE A 90 -0.97 3.54 -13.30
N GLU A 91 -0.14 2.74 -12.65
CA GLU A 91 -0.61 1.74 -11.66
C GLU A 91 -0.64 2.35 -10.27
N ASP A 92 -1.83 2.40 -9.67
CA ASP A 92 -2.06 3.05 -8.39
C ASP A 92 -1.75 2.07 -7.27
N ARG A 93 -0.48 1.75 -7.12
CA ARG A 93 -0.07 0.66 -6.25
C ARG A 93 0.16 1.11 -4.81
N LYS A 94 0.41 2.39 -4.61
CA LYS A 94 0.61 2.95 -3.29
C LYS A 94 1.68 2.19 -2.51
N PHE A 95 2.89 2.18 -3.05
CA PHE A 95 4.02 1.61 -2.34
C PHE A 95 4.16 2.35 -1.02
N ALA A 96 4.33 1.59 0.06
CA ALA A 96 4.33 2.17 1.41
C ALA A 96 5.07 1.28 2.41
N ASP A 97 6.14 0.63 1.95
CA ASP A 97 6.97 -0.19 2.81
C ASP A 97 8.41 0.32 2.73
N ILE A 98 9.31 -0.36 3.43
CA ILE A 98 10.73 0.00 3.41
C ILE A 98 11.33 -0.21 2.02
N GLY A 99 12.40 0.53 1.74
CA GLY A 99 13.00 0.60 0.42
C GLY A 99 13.34 -0.74 -0.18
N ASN A 100 13.98 -1.63 0.61
CA ASN A 100 14.39 -2.91 0.06
CA ASN A 100 14.39 -2.93 0.11
C ASN A 100 13.19 -3.81 -0.25
N THR A 101 12.08 -3.61 0.45
CA THR A 101 10.84 -4.35 0.17
C THR A 101 10.15 -3.83 -1.11
N VAL A 102 9.92 -2.52 -1.19
CA VAL A 102 9.19 -1.96 -2.35
C VAL A 102 9.89 -2.16 -3.70
N LYS A 103 11.23 -2.20 -3.71
CA LYS A 103 11.99 -2.59 -4.91
C LYS A 103 11.49 -3.87 -5.51
N LYS A 104 11.29 -4.87 -4.66
CA LYS A 104 10.85 -6.20 -5.10
C LYS A 104 9.40 -6.20 -5.58
N GLN A 105 8.55 -5.41 -4.91
CA GLN A 105 7.14 -5.35 -5.25
C GLN A 105 6.93 -4.63 -6.59
N TYR A 106 7.81 -3.67 -6.85
CA TYR A 106 7.80 -2.86 -8.07
C TYR A 106 8.31 -3.65 -9.26
N GLU A 107 9.42 -4.37 -9.11
CA GLU A 107 10.00 -5.11 -10.22
C GLU A 107 9.38 -6.47 -10.48
N GLY A 108 9.31 -7.28 -9.44
CA GLY A 108 9.11 -8.72 -9.60
C GLY A 108 7.69 -9.17 -9.39
N GLY A 109 7.56 -10.42 -8.95
CA GLY A 109 6.25 -11.01 -8.69
C GLY A 109 5.44 -11.17 -9.95
N ILE A 110 4.18 -11.56 -9.78
CA ILE A 110 3.28 -11.82 -10.91
C ILE A 110 2.94 -10.59 -11.76
N PHE A 111 2.84 -9.42 -11.14
CA PHE A 111 2.38 -8.25 -11.86
C PHE A 111 3.46 -7.60 -12.71
N LYS A 112 4.72 -7.70 -12.27
CA LYS A 112 5.85 -7.02 -12.90
C LYS A 112 5.48 -5.62 -13.40
N ILE A 113 5.16 -4.77 -12.43
CA ILE A 113 4.59 -3.44 -12.65
C ILE A 113 5.53 -2.54 -13.44
N ALA A 114 6.83 -2.64 -13.14
CA ALA A 114 7.85 -1.81 -13.77
C ALA A 114 7.92 -2.02 -15.29
N SER A 115 7.66 -3.23 -15.75
CA SER A 115 7.72 -3.56 -17.17
C SER A 115 6.63 -2.90 -18.04
N TRP A 116 5.46 -2.55 -17.48
CA TRP A 116 4.37 -1.90 -18.27
C TRP A 116 3.88 -0.54 -17.76
N ALA A 117 4.14 -0.20 -16.50
CA ALA A 117 3.60 1.02 -15.90
C ALA A 117 4.56 2.19 -16.13
N ASP A 118 4.06 3.28 -16.72
CA ASP A 118 4.85 4.49 -16.95
C ASP A 118 5.05 5.22 -15.63
N LEU A 119 3.97 5.30 -14.83
CA LEU A 119 4.02 5.91 -13.52
C LEU A 119 3.52 4.93 -12.48
N VAL A 120 4.04 5.08 -11.27
CA VAL A 120 3.48 4.46 -10.09
C VAL A 120 3.44 5.54 -9.02
N ASN A 121 2.79 5.26 -7.90
CA ASN A 121 2.74 6.20 -6.77
C ASN A 121 3.23 5.53 -5.50
N ALA A 122 3.53 6.35 -4.50
CA ALA A 122 3.98 5.84 -3.22
C ALA A 122 3.54 6.77 -2.10
N HIS A 123 3.29 6.20 -0.93
CA HIS A 123 3.12 6.97 0.29
C HIS A 123 4.49 7.34 0.87
N VAL A 124 4.53 8.47 1.57
CA VAL A 124 5.76 9.02 2.10
C VAL A 124 6.04 8.62 3.55
N VAL A 125 5.04 8.01 4.20
CA VAL A 125 5.12 7.67 5.63
C VAL A 125 6.37 6.85 6.00
N PRO A 126 6.86 5.96 5.11
CA PRO A 126 8.05 5.21 5.49
C PRO A 126 9.37 6.01 5.53
N GLY A 127 9.37 7.24 4.99
CA GLY A 127 10.59 8.01 4.79
C GLY A 127 11.13 7.78 3.38
N SER A 128 12.11 8.61 2.98
CA SER A 128 12.60 8.61 1.59
C SER A 128 13.12 7.29 1.07
N GLY A 129 13.43 6.36 1.98
CA GLY A 129 13.86 5.01 1.58
C GLY A 129 12.93 4.36 0.57
N VAL A 130 11.63 4.61 0.70
CA VAL A 130 10.65 4.09 -0.24
C VAL A 130 10.87 4.60 -1.68
N VAL A 131 11.18 5.89 -1.80
CA VAL A 131 11.49 6.51 -3.09
C VAL A 131 12.81 5.93 -3.60
N LYS A 132 13.82 5.93 -2.74
CA LYS A 132 15.13 5.38 -3.06
C LYS A 132 15.06 3.91 -3.53
N GLY A 133 14.24 3.09 -2.88
CA GLY A 133 14.04 1.70 -3.33
C GLY A 133 13.41 1.62 -4.71
N LEU A 134 12.33 2.37 -4.92
CA LEU A 134 11.67 2.40 -6.22
C LEU A 134 12.57 2.95 -7.33
N GLN A 135 13.26 4.05 -7.03
CA GLN A 135 14.22 4.68 -7.95
C GLN A 135 15.13 3.67 -8.62
N GLU A 136 15.69 2.76 -7.84
CA GLU A 136 16.71 1.84 -8.33
C GLU A 136 16.21 0.96 -9.47
N VAL A 137 14.94 0.59 -9.42
CA VAL A 137 14.29 -0.19 -10.49
C VAL A 137 13.81 0.70 -11.65
N GLY A 138 13.21 1.83 -11.32
CA GLY A 138 12.55 2.66 -12.31
C GLY A 138 13.47 3.49 -13.20
N LEU A 139 14.56 4.00 -12.62
CA LEU A 139 15.50 4.85 -13.36
C LEU A 139 16.10 4.16 -14.60
N PRO A 140 16.60 2.92 -14.46
CA PRO A 140 16.90 2.09 -15.63
C PRO A 140 15.86 2.12 -16.74
N LEU A 141 14.58 2.00 -16.38
CA LEU A 141 13.49 1.86 -17.35
C LEU A 141 12.83 3.19 -17.75
N HIS A 142 13.37 4.31 -17.28
CA HIS A 142 12.85 5.65 -17.56
C HIS A 142 11.42 5.81 -17.05
N ARG A 143 11.17 5.36 -15.82
CA ARG A 143 9.86 5.51 -15.22
C ARG A 143 9.87 6.73 -14.32
N GLY A 144 8.70 7.09 -13.80
CA GLY A 144 8.55 8.22 -12.88
C GLY A 144 7.58 7.85 -11.77
N CYS A 145 7.56 8.66 -10.72
CA CYS A 145 6.81 8.34 -9.53
C CYS A 145 6.04 9.54 -9.00
N LEU A 146 4.82 9.30 -8.53
CA LEU A 146 4.05 10.33 -7.87
C LEU A 146 3.99 10.05 -6.38
N LEU A 147 4.21 11.08 -5.57
CA LEU A 147 4.16 10.94 -4.14
C LEU A 147 2.81 11.46 -3.65
N ILE A 148 2.20 10.73 -2.71
CA ILE A 148 0.87 11.11 -2.19
C ILE A 148 1.04 12.09 -1.03
N ALA A 149 0.78 13.37 -1.30
CA ALA A 149 1.01 14.47 -0.34
C ALA A 149 -0.24 14.83 0.46
N GLU A 150 -1.40 14.62 -0.17
CA GLU A 150 -2.71 14.80 0.41
C GLU A 150 -3.63 13.69 -0.08
N MET A 151 -4.67 13.39 0.71
CA MET A 151 -5.72 12.47 0.27
C MET A 151 -7.10 13.13 0.33
N SER A 152 -8.04 12.55 -0.40
CA SER A 152 -9.39 13.11 -0.57
C SER A 152 -10.35 12.68 0.54
N SER A 153 -10.03 11.58 1.21
CA SER A 153 -10.98 10.91 2.11
C SER A 153 -11.07 11.57 3.49
N THR A 154 -12.22 11.39 4.15
CA THR A 154 -12.48 12.04 5.43
C THR A 154 -11.60 11.38 6.50
N GLY A 155 -10.93 12.22 7.30
CA GLY A 155 -10.01 11.74 8.34
C GLY A 155 -8.57 11.58 7.89
N SER A 156 -8.32 11.79 6.60
CA SER A 156 -6.96 11.76 6.02
C SER A 156 -5.89 12.46 6.87
N LEU A 157 -4.81 11.75 7.21
CA LEU A 157 -3.75 12.35 8.01
C LEU A 157 -2.66 12.99 7.15
N ALA A 158 -2.85 13.03 5.83
CA ALA A 158 -1.90 13.66 4.94
C ALA A 158 -2.13 15.17 4.91
N THR A 159 -1.68 15.84 5.96
CA THR A 159 -1.86 17.29 6.14
C THR A 159 -0.61 17.94 6.74
N GLY A 160 -0.58 19.27 6.69
CA GLY A 160 0.41 20.07 7.38
C GLY A 160 1.83 19.57 7.15
N ASP A 161 2.52 19.24 8.23
CA ASP A 161 3.91 18.79 8.16
C ASP A 161 4.12 17.51 7.35
N TYR A 162 3.08 16.68 7.24
CA TYR A 162 3.15 15.43 6.45
C TYR A 162 3.25 15.77 4.97
N THR A 163 2.37 16.68 4.54
CA THR A 163 2.42 17.24 3.20
C THR A 163 3.77 17.90 2.92
N ARG A 164 4.15 18.87 3.75
CA ARG A 164 5.47 19.47 3.62
C ARG A 164 6.56 18.37 3.45
N ALA A 165 6.51 17.33 4.27
CA ALA A 165 7.43 16.20 4.10
C ALA A 165 7.41 15.62 2.67
N ALA A 166 6.22 15.34 2.14
CA ALA A 166 6.12 14.79 0.77
C ALA A 166 6.70 15.74 -0.29
N VAL A 167 6.57 17.05 -0.09
CA VAL A 167 7.07 18.04 -1.05
C VAL A 167 8.60 17.99 -1.11
N ARG A 168 9.22 18.13 0.07
CA ARG A 168 10.68 18.00 0.23
C ARG A 168 11.22 16.71 -0.38
N MET A 169 10.54 15.61 -0.14
CA MET A 169 10.98 14.30 -0.60
C MET A 169 10.94 14.24 -2.13
N ALA A 170 9.92 14.87 -2.70
CA ALA A 170 9.79 14.98 -4.16
C ALA A 170 10.90 15.84 -4.74
N GLU A 171 11.06 17.04 -4.18
CA GLU A 171 12.08 17.99 -4.63
C GLU A 171 13.50 17.39 -4.54
N GLU A 172 13.75 16.63 -3.48
CA GLU A 172 15.05 16.01 -3.28
C GLU A 172 15.28 14.76 -4.13
N HIS A 173 14.26 14.33 -4.88
CA HIS A 173 14.35 13.11 -5.72
C HIS A 173 13.79 13.34 -7.13
N SER A 174 13.91 14.57 -7.63
CA SER A 174 13.35 14.99 -8.93
C SER A 174 13.77 14.12 -10.13
N GLU A 175 14.91 13.45 -10.01
CA GLU A 175 15.33 12.48 -11.00
C GLU A 175 14.31 11.37 -11.29
N PHE A 176 13.38 11.14 -10.35
CA PHE A 176 12.42 10.04 -10.48
C PHE A 176 11.01 10.43 -10.05
N VAL A 177 10.87 11.34 -9.10
CA VAL A 177 9.56 11.85 -8.77
C VAL A 177 9.21 12.94 -9.78
N VAL A 178 8.14 12.69 -10.55
CA VAL A 178 7.59 13.65 -11.53
C VAL A 178 6.43 14.51 -11.00
N GLY A 179 5.93 14.23 -9.81
CA GLY A 179 4.89 15.07 -9.18
C GLY A 179 4.13 14.39 -8.05
N PHE A 180 2.88 14.84 -7.82
CA PHE A 180 2.09 14.45 -6.64
C PHE A 180 0.67 14.04 -6.90
N ILE A 181 0.19 13.13 -6.05
CA ILE A 181 -1.22 12.92 -5.89
C ILE A 181 -1.61 13.86 -4.76
N SER A 182 -2.49 14.81 -5.03
CA SER A 182 -2.90 15.78 -4.00
C SER A 182 -4.23 16.45 -4.31
N GLY A 183 -4.76 17.21 -3.35
CA GLY A 183 -6.03 17.91 -3.52
C GLY A 183 -5.88 19.33 -4.05
N SER A 184 -4.66 19.85 -3.99
CA SER A 184 -4.33 21.20 -4.41
C SER A 184 -2.88 21.24 -4.87
N ARG A 185 -2.52 22.36 -5.49
CA ARG A 185 -1.13 22.66 -5.76
C ARG A 185 -0.38 22.78 -4.44
N VAL A 186 0.55 21.88 -4.18
CA VAL A 186 1.39 21.91 -2.97
C VAL A 186 2.84 22.31 -3.28
N SER A 187 3.24 22.23 -4.56
CA SER A 187 4.54 22.68 -5.03
C SER A 187 4.39 23.76 -6.10
N MET A 188 5.03 24.91 -5.91
CA MET A 188 5.02 25.97 -6.92
C MET A 188 6.04 25.72 -8.06
N LYS A 189 6.90 24.71 -7.91
CA LYS A 189 7.85 24.33 -8.97
C LYS A 189 7.17 23.72 -10.20
N PRO A 190 7.15 24.45 -11.33
CA PRO A 190 6.33 24.03 -12.49
C PRO A 190 6.71 22.68 -13.14
N GLU A 191 7.84 22.09 -12.77
CA GLU A 191 8.25 20.82 -13.35
C GLU A 191 7.47 19.64 -12.76
N PHE A 192 6.85 19.87 -11.61
CA PHE A 192 6.05 18.84 -10.94
C PHE A 192 4.57 18.85 -11.34
N LEU A 193 4.05 17.68 -11.66
CA LEU A 193 2.64 17.50 -12.02
C LEU A 193 1.81 17.29 -10.75
N HIS A 194 0.61 17.86 -10.73
CA HIS A 194 -0.35 17.68 -9.63
C HIS A 194 -1.56 16.96 -10.16
N LEU A 195 -1.89 15.85 -9.53
CA LEU A 195 -2.97 14.97 -9.93
C LEU A 195 -3.96 14.87 -8.76
N THR A 196 -5.24 14.96 -9.06
CA THR A 196 -6.22 15.04 -8.01
C THR A 196 -7.39 14.11 -8.21
N PRO A 197 -7.50 13.10 -7.31
CA PRO A 197 -8.66 12.24 -7.24
C PRO A 197 -9.68 12.80 -6.26
N GLY A 198 -10.82 12.12 -6.14
CA GLY A 198 -11.97 12.62 -5.42
C GLY A 198 -12.63 13.75 -6.21
N VAL A 199 -12.93 13.45 -7.47
CA VAL A 199 -13.49 14.41 -8.41
C VAL A 199 -14.79 13.88 -9.01
N GLN A 200 -15.85 14.68 -8.89
CA GLN A 200 -17.10 14.45 -9.66
C GLN A 200 -17.70 15.80 -10.05
N LEU A 201 -18.64 15.79 -10.98
CA LEU A 201 -19.33 17.03 -11.36
C LEU A 201 -20.33 17.43 -10.27
N GLU A 202 -21.05 16.45 -9.75
CA GLU A 202 -22.09 16.67 -8.73
C GLU A 202 -21.46 16.73 -7.33
N ALA A 203 -22.01 17.54 -6.44
CA ALA A 203 -21.55 17.55 -5.03
C ALA A 203 -21.87 16.20 -4.41
N GLY A 204 -21.06 15.77 -3.44
CA GLY A 204 -21.33 14.54 -2.73
C GLY A 204 -20.10 13.78 -2.23
N GLY A 205 -20.27 12.47 -2.12
CA GLY A 205 -19.28 11.59 -1.50
C GLY A 205 -19.75 10.17 -1.63
N ASP A 206 -19.09 9.24 -0.98
CA ASP A 206 -19.59 7.87 -0.92
C ASP A 206 -19.75 7.44 0.54
N ASN A 207 -20.07 6.17 0.76
CA ASN A 207 -20.38 5.66 2.11
C ASN A 207 -19.16 5.34 2.98
N LEU A 208 -17.96 5.47 2.41
CA LEU A 208 -16.73 5.03 3.05
C LEU A 208 -15.66 6.11 2.93
N GLY A 209 -16.03 7.35 3.22
CA GLY A 209 -15.06 8.42 3.41
C GLY A 209 -14.61 9.21 2.19
N GLN A 210 -14.95 8.76 0.99
CA GLN A 210 -14.60 9.50 -0.24
C GLN A 210 -15.37 10.81 -0.29
N GLN A 211 -14.64 11.91 -0.51
CA GLN A 211 -15.24 13.22 -0.72
C GLN A 211 -14.91 13.71 -2.13
N TYR A 212 -15.90 14.30 -2.79
CA TYR A 212 -15.77 14.75 -4.18
C TYR A 212 -15.85 16.26 -4.29
N ASN A 213 -14.94 16.86 -5.05
CA ASN A 213 -15.06 18.24 -5.51
C ASN A 213 -15.13 18.25 -7.05
N SER A 214 -15.43 19.40 -7.65
CA SER A 214 -15.63 19.45 -9.10
C SER A 214 -14.34 19.72 -9.84
N PRO A 215 -14.27 19.39 -11.14
CA PRO A 215 -13.10 19.75 -11.95
C PRO A 215 -12.75 21.24 -11.89
N GLN A 216 -13.78 22.09 -11.84
CA GLN A 216 -13.57 23.53 -11.83
C GLN A 216 -12.97 24.03 -10.51
N GLU A 217 -13.43 23.48 -9.39
CA GLU A 217 -12.82 23.79 -8.08
C GLU A 217 -11.36 23.33 -7.99
N VAL A 218 -11.10 22.10 -8.42
CA VAL A 218 -9.79 21.46 -8.23
C VAL A 218 -8.72 21.96 -9.20
N ILE A 219 -9.07 22.06 -10.48
CA ILE A 219 -8.16 22.60 -11.49
C ILE A 219 -8.14 24.14 -11.44
N GLY A 220 -9.31 24.74 -11.26
CA GLY A 220 -9.49 26.19 -11.35
C GLY A 220 -9.10 26.97 -10.10
N LYS A 221 -9.68 26.62 -8.96
CA LYS A 221 -9.35 27.32 -7.72
C LYS A 221 -8.12 26.72 -7.03
N ARG A 222 -8.05 25.39 -6.91
CA ARG A 222 -6.95 24.75 -6.17
C ARG A 222 -5.66 24.50 -6.99
N GLY A 223 -5.65 24.88 -8.26
CA GLY A 223 -4.42 24.87 -9.06
C GLY A 223 -3.83 23.52 -9.49
N SER A 224 -4.62 22.46 -9.42
CA SER A 224 -4.17 21.13 -9.90
C SER A 224 -4.04 21.09 -11.41
N ASP A 225 -3.42 20.00 -11.90
CA ASP A 225 -3.13 19.84 -13.32
C ASP A 225 -4.09 18.85 -14.00
N ILE A 226 -4.33 17.72 -13.34
CA ILE A 226 -5.03 16.59 -13.91
C ILE A 226 -6.05 16.04 -12.91
N ILE A 227 -7.21 15.58 -13.41
CA ILE A 227 -8.21 14.95 -12.57
C ILE A 227 -8.22 13.46 -12.78
N ILE A 228 -8.26 12.72 -11.68
CA ILE A 228 -8.42 11.27 -11.71
C ILE A 228 -9.90 11.02 -11.38
N VAL A 229 -10.61 10.41 -12.30
CA VAL A 229 -12.05 10.24 -12.17
C VAL A 229 -12.39 8.78 -12.42
N GLY A 230 -13.01 8.16 -11.41
CA GLY A 230 -13.44 6.77 -11.48
C GLY A 230 -14.94 6.62 -11.73
N ARG A 231 -15.69 6.49 -10.65
CA ARG A 231 -17.11 6.19 -10.71
C ARG A 231 -17.92 7.23 -11.53
N GLY A 232 -17.54 8.51 -11.42
CA GLY A 232 -18.14 9.57 -12.25
C GLY A 232 -18.24 9.25 -13.74
N ILE A 233 -17.31 8.45 -14.24
CA ILE A 233 -17.35 7.96 -15.62
C ILE A 233 -17.88 6.53 -15.64
N ILE A 234 -17.23 5.65 -14.88
CA ILE A 234 -17.52 4.22 -14.90
C ILE A 234 -19.00 3.88 -14.62
N SER A 235 -19.63 4.64 -13.73
CA SER A 235 -21.01 4.36 -13.35
C SER A 235 -22.02 4.82 -14.41
N ALA A 236 -21.57 5.68 -15.34
CA ALA A 236 -22.45 6.20 -16.38
C ALA A 236 -22.85 5.12 -17.38
N ALA A 237 -24.02 5.25 -18.00
CA ALA A 237 -24.43 4.33 -19.06
C ALA A 237 -23.44 4.44 -20.23
N ASP A 238 -23.29 5.66 -20.74
CA ASP A 238 -22.34 5.98 -21.80
C ASP A 238 -21.09 6.59 -21.15
N ARG A 239 -20.05 5.77 -21.02
CA ARG A 239 -18.78 6.22 -20.41
CA ARG A 239 -18.77 6.19 -20.41
C ARG A 239 -18.01 7.20 -21.28
N LEU A 240 -18.19 7.10 -22.59
CA LEU A 240 -17.53 8.03 -23.51
C LEU A 240 -18.10 9.44 -23.34
N GLU A 241 -19.42 9.56 -23.36
CA GLU A 241 -20.05 10.87 -23.14
C GLU A 241 -19.54 11.44 -21.82
N ALA A 242 -19.46 10.62 -20.77
CA ALA A 242 -19.02 11.08 -19.44
C ALA A 242 -17.57 11.57 -19.46
N ALA A 243 -16.69 10.79 -20.11
CA ALA A 243 -15.27 11.14 -20.21
C ALA A 243 -15.11 12.48 -20.92
N GLU A 244 -15.79 12.64 -22.05
CA GLU A 244 -15.79 13.91 -22.77
C GLU A 244 -16.27 15.05 -21.88
N MET A 245 -17.28 14.80 -21.05
CA MET A 245 -17.80 15.80 -20.12
CA MET A 245 -17.80 15.80 -20.12
C MET A 245 -16.76 16.21 -19.08
N TYR A 246 -16.08 15.22 -18.48
CA TYR A 246 -15.01 15.53 -17.53
C TYR A 246 -13.80 16.21 -18.20
N ARG A 247 -13.45 15.71 -19.39
CA ARG A 247 -12.36 16.27 -20.19
C ARG A 247 -12.58 17.74 -20.48
N LYS A 248 -13.74 18.05 -21.04
CA LYS A 248 -14.07 19.43 -21.40
C LYS A 248 -14.10 20.34 -20.18
N ALA A 249 -14.61 19.85 -19.06
CA ALA A 249 -14.64 20.60 -17.79
C ALA A 249 -13.25 20.92 -17.23
N ALA A 250 -12.41 19.89 -17.18
CA ALA A 250 -11.05 20.02 -16.66
C ALA A 250 -10.17 20.86 -17.59
N TRP A 251 -10.39 20.73 -18.90
CA TRP A 251 -9.57 21.45 -19.87
C TRP A 251 -9.89 22.94 -19.89
N GLU A 252 -11.17 23.30 -19.89
CA GLU A 252 -11.58 24.71 -19.83
CA GLU A 252 -11.56 24.70 -19.84
C GLU A 252 -11.17 25.35 -18.51
N ALA A 253 -11.18 24.57 -17.43
CA ALA A 253 -10.75 25.02 -16.11
C ALA A 253 -9.25 25.39 -16.13
N TYR A 254 -8.46 24.52 -16.76
CA TYR A 254 -7.05 24.76 -17.03
C TYR A 254 -6.78 26.02 -17.89
N LEU A 255 -7.49 26.16 -19.01
CA LEU A 255 -7.34 27.34 -19.88
C LEU A 255 -7.62 28.66 -19.15
N SER A 256 -8.52 28.61 -18.17
CA SER A 256 -8.89 29.79 -17.39
C SER A 256 -7.84 30.20 -16.36
N ARG A 257 -6.96 29.27 -15.98
CA ARG A 257 -5.87 29.58 -15.06
C ARG A 257 -4.80 30.41 -15.77
N LEU A 258 -4.64 30.17 -17.07
CA LEU A 258 -3.70 30.93 -17.88
C LEU A 258 -4.24 32.34 -18.15
N GLU B 4 -0.25 -6.81 34.48
CA GLU B 4 0.25 -7.45 33.23
C GLU B 4 -0.07 -8.94 33.21
N LEU B 5 -0.66 -9.40 32.12
CA LEU B 5 -1.10 -10.79 31.97
C LEU B 5 -0.29 -11.59 30.95
N SER B 6 -0.21 -12.90 31.14
CA SER B 6 0.42 -13.79 30.20
C SER B 6 -0.37 -13.77 28.89
N PHE B 7 0.27 -14.21 27.83
CA PHE B 7 -0.41 -14.40 26.54
C PHE B 7 -1.66 -15.24 26.74
N GLY B 8 -1.55 -16.32 27.52
CA GLY B 8 -2.66 -17.24 27.76
C GLY B 8 -3.84 -16.60 28.47
N ALA B 9 -3.55 -15.78 29.48
CA ALA B 9 -4.58 -15.00 30.14
C ALA B 9 -5.24 -14.01 29.15
N ARG B 10 -4.41 -13.35 28.34
CA ARG B 10 -4.93 -12.39 27.37
C ARG B 10 -5.83 -13.05 26.32
N ALA B 11 -5.54 -14.29 25.96
CA ALA B 11 -6.42 -15.01 25.03
C ALA B 11 -7.86 -15.15 25.55
N GLU B 12 -8.05 -15.02 26.88
CA GLU B 12 -9.37 -15.19 27.50
C GLU B 12 -10.06 -13.88 27.92
N LEU B 13 -9.44 -12.73 27.65
CA LEU B 13 -10.08 -11.47 28.03
C LEU B 13 -11.47 -11.39 27.37
N PRO B 14 -12.45 -10.81 28.09
CA PRO B 14 -13.78 -10.54 27.57
C PRO B 14 -13.78 -9.99 26.14
N ARG B 15 -13.12 -8.86 25.96
CA ARG B 15 -13.17 -8.12 24.69
C ARG B 15 -12.15 -8.59 23.64
N ILE B 16 -11.41 -9.66 23.92
CA ILE B 16 -10.47 -10.24 22.96
C ILE B 16 -11.18 -10.64 21.67
N HIS B 17 -10.55 -10.35 20.53
CA HIS B 17 -11.03 -10.80 19.23
C HIS B 17 -10.58 -12.25 19.07
N PRO B 18 -11.42 -13.11 18.44
CA PRO B 18 -11.12 -14.54 18.21
C PRO B 18 -9.82 -14.87 17.46
N VAL B 19 -9.43 -14.02 16.52
CA VAL B 19 -8.19 -14.23 15.78
C VAL B 19 -6.99 -14.01 16.71
N ALA B 20 -7.03 -12.91 17.47
CA ALA B 20 -6.03 -12.64 18.50
C ALA B 20 -5.98 -13.71 19.59
N SER B 21 -7.14 -14.24 19.98
CA SER B 21 -7.19 -15.26 21.00
C SER B 21 -6.55 -16.54 20.49
N LYS B 22 -6.88 -16.92 19.25
CA LYS B 22 -6.26 -18.10 18.63
C LYS B 22 -4.73 -17.95 18.59
N LEU B 23 -4.27 -16.75 18.24
CA LEU B 23 -2.85 -16.44 18.18
C LEU B 23 -2.22 -16.48 19.57
N LEU B 24 -2.80 -15.79 20.53
CA LEU B 24 -2.29 -15.77 21.91
C LEU B 24 -2.19 -17.19 22.52
N ARG B 25 -3.16 -18.06 22.20
CA ARG B 25 -3.17 -19.43 22.73
CA ARG B 25 -3.16 -19.43 22.73
C ARG B 25 -2.06 -20.29 22.15
N LEU B 26 -1.86 -20.23 20.84
CA LEU B 26 -0.74 -20.97 20.22
C LEU B 26 0.62 -20.35 20.58
N MET B 27 0.68 -19.04 20.81
CA MET B 27 1.90 -18.41 21.32
C MET B 27 2.33 -19.09 22.63
N GLN B 28 1.43 -19.15 23.60
CA GLN B 28 1.70 -19.79 24.91
C GLN B 28 2.01 -21.28 24.76
N LYS B 29 1.22 -21.97 23.94
CA LYS B 29 1.40 -23.41 23.75
C LYS B 29 2.79 -23.73 23.19
N LYS B 30 3.27 -22.93 22.24
CA LYS B 30 4.52 -23.22 21.54
C LYS B 30 5.74 -22.48 22.06
N GLU B 31 5.54 -21.55 22.99
CA GLU B 31 6.62 -20.73 23.52
C GLU B 31 7.28 -19.91 22.43
N THR B 32 6.45 -19.33 21.55
CA THR B 32 6.93 -18.55 20.43
C THR B 32 6.12 -17.25 20.28
N ASN B 33 6.79 -16.11 20.45
CA ASN B 33 6.29 -14.82 19.94
C ASN B 33 7.07 -14.35 18.70
N LEU B 34 7.51 -15.29 17.85
CA LEU B 34 8.20 -14.96 16.59
C LEU B 34 7.33 -15.08 15.32
N CYS B 35 7.34 -14.01 14.54
CA CYS B 35 6.72 -14.00 13.21
C CYS B 35 7.82 -13.99 12.15
N LEU B 36 7.86 -15.04 11.34
CA LEU B 36 8.75 -15.09 10.19
C LEU B 36 8.26 -14.14 9.12
N SER B 37 9.18 -13.36 8.54
CA SER B 37 8.92 -12.64 7.28
C SER B 37 9.54 -13.43 6.12
N ALA B 38 8.70 -14.09 5.32
CA ALA B 38 9.17 -14.96 4.24
C ALA B 38 9.13 -14.18 2.93
N ASP B 39 10.23 -13.49 2.65
CA ASP B 39 10.33 -12.57 1.51
CA ASP B 39 10.31 -12.58 1.52
C ASP B 39 10.98 -13.29 0.34
N VAL B 40 10.26 -14.22 -0.27
CA VAL B 40 10.82 -15.10 -1.30
C VAL B 40 10.11 -14.93 -2.64
N SER B 41 10.76 -15.38 -3.71
CA SER B 41 10.25 -15.19 -5.06
C SER B 41 9.50 -16.40 -5.61
N LEU B 42 9.77 -17.58 -5.04
CA LEU B 42 9.19 -18.83 -5.51
C LEU B 42 8.22 -19.45 -4.51
N ALA B 43 7.06 -19.86 -5.01
CA ALA B 43 6.08 -20.57 -4.23
C ALA B 43 6.73 -21.70 -3.43
N ARG B 44 7.60 -22.47 -4.06
CA ARG B 44 8.22 -23.61 -3.40
C ARG B 44 9.05 -23.17 -2.19
N GLU B 45 9.90 -22.16 -2.38
CA GLU B 45 10.61 -21.50 -1.29
C GLU B 45 9.71 -21.24 -0.07
N LEU B 46 8.55 -20.65 -0.32
CA LEU B 46 7.64 -20.23 0.75
C LEU B 46 7.08 -21.42 1.52
N LEU B 47 6.69 -22.46 0.78
CA LEU B 47 6.10 -23.66 1.38
C LEU B 47 7.14 -24.53 2.11
N GLN B 48 8.36 -24.57 1.57
CA GLN B 48 9.48 -25.23 2.22
C GLN B 48 9.83 -24.59 3.55
N LEU B 49 9.97 -23.26 3.53
CA LEU B 49 10.33 -22.49 4.71
C LEU B 49 9.25 -22.55 5.79
N ALA B 50 8.01 -22.28 5.40
CA ALA B 50 6.87 -22.39 6.29
C ALA B 50 6.87 -23.74 7.03
N ASP B 51 6.98 -24.82 6.26
CA ASP B 51 6.96 -26.18 6.82
C ASP B 51 8.12 -26.45 7.80
N ALA B 52 9.35 -26.18 7.36
CA ALA B 52 10.53 -26.44 8.17
C ALA B 52 10.59 -25.56 9.43
N LEU B 53 10.16 -24.32 9.32
CA LEU B 53 10.22 -23.36 10.44
C LEU B 53 8.90 -23.21 11.19
N GLY B 54 7.84 -23.87 10.68
CA GLY B 54 6.50 -23.79 11.26
C GLY B 54 6.45 -23.98 12.77
N PRO B 55 7.10 -25.03 13.27
CA PRO B 55 7.17 -25.26 14.71
C PRO B 55 7.77 -24.13 15.58
N SER B 56 8.57 -23.23 15.01
CA SER B 56 9.28 -22.20 15.78
C SER B 56 8.57 -20.83 15.81
N ILE B 57 7.50 -20.68 15.04
CA ILE B 57 6.83 -19.37 14.85
C ILE B 57 5.38 -19.40 15.29
N CYS B 58 4.83 -18.22 15.60
CA CYS B 58 3.40 -18.10 15.84
C CYS B 58 2.67 -17.59 14.58
N MET B 59 3.43 -17.07 13.62
CA MET B 59 2.85 -16.31 12.52
C MET B 59 3.82 -16.28 11.36
N LEU B 60 3.30 -16.38 10.13
CA LEU B 60 4.10 -16.26 8.90
C LEU B 60 3.58 -15.07 8.12
N LYS B 61 4.46 -14.10 7.88
CA LYS B 61 4.11 -12.91 7.14
C LYS B 61 4.52 -13.07 5.69
N THR B 62 3.54 -12.93 4.79
CA THR B 62 3.70 -13.14 3.36
C THR B 62 3.71 -11.81 2.56
N HIS B 63 4.39 -11.82 1.42
CA HIS B 63 4.20 -10.82 0.36
C HIS B 63 3.90 -11.62 -0.89
N VAL B 64 2.62 -11.86 -1.09
CA VAL B 64 2.18 -12.76 -2.14
C VAL B 64 2.40 -12.06 -3.49
N ASP B 65 2.47 -10.72 -3.49
CA ASP B 65 2.81 -9.95 -4.69
C ASP B 65 4.30 -9.95 -5.10
N ILE B 66 5.16 -10.68 -4.40
CA ILE B 66 6.53 -10.85 -4.87
CA ILE B 66 6.56 -10.87 -4.75
C ILE B 66 6.79 -12.30 -5.30
N LEU B 67 5.76 -13.15 -5.20
CA LEU B 67 5.82 -14.52 -5.71
C LEU B 67 5.66 -14.53 -7.23
N ASN B 68 6.68 -14.99 -7.93
CA ASN B 68 6.62 -15.08 -9.40
C ASN B 68 5.65 -16.15 -9.91
N ASP B 69 5.34 -17.14 -9.07
CA ASP B 69 4.44 -18.23 -9.46
C ASP B 69 3.29 -18.39 -8.46
N PHE B 70 2.69 -17.26 -8.07
CA PHE B 70 1.52 -17.29 -7.21
C PHE B 70 0.40 -18.04 -7.92
N THR B 71 -0.30 -18.87 -7.16
CA THR B 71 -1.65 -19.33 -7.49
C THR B 71 -2.40 -19.48 -6.17
N LEU B 72 -3.72 -19.59 -6.24
CA LEU B 72 -4.50 -19.80 -5.03
C LEU B 72 -4.33 -21.23 -4.50
N ASP B 73 -3.84 -22.13 -5.34
CA ASP B 73 -3.52 -23.50 -4.89
C ASP B 73 -2.29 -23.47 -3.98
N VAL B 74 -1.37 -22.53 -4.25
CA VAL B 74 -0.19 -22.31 -3.42
C VAL B 74 -0.62 -21.88 -2.03
N MET B 75 -1.69 -21.08 -1.95
CA MET B 75 -2.19 -20.61 -0.67
C MET B 75 -3.09 -21.65 0.01
N LYS B 76 -3.69 -22.54 -0.77
CA LYS B 76 -4.36 -23.73 -0.24
C LYS B 76 -3.35 -24.58 0.54
N GLU B 77 -2.19 -24.83 -0.06
CA GLU B 77 -1.13 -25.62 0.55
C GLU B 77 -0.45 -24.87 1.70
N LEU B 78 -0.52 -23.54 1.70
CA LEU B 78 0.01 -22.77 2.82
C LEU B 78 -0.88 -22.91 4.05
N ILE B 79 -2.20 -22.92 3.83
CA ILE B 79 -3.16 -23.05 4.92
C ILE B 79 -3.04 -24.43 5.56
N THR B 80 -2.84 -25.45 4.73
CA THR B 80 -2.55 -26.79 5.20
C THR B 80 -1.46 -26.78 6.28
N LEU B 81 -0.31 -26.21 5.93
CA LEU B 81 0.85 -26.15 6.83
C LEU B 81 0.62 -25.27 8.05
N ALA B 82 -0.18 -24.22 7.87
CA ALA B 82 -0.56 -23.33 8.95
C ALA B 82 -1.40 -24.06 10.01
N LYS B 83 -2.43 -24.76 9.57
CA LYS B 83 -3.22 -25.64 10.46
C LYS B 83 -2.37 -26.76 11.12
N CYS B 84 -1.43 -27.34 10.39
CA CYS B 84 -0.60 -28.44 10.89
C CYS B 84 0.43 -28.04 11.96
N HIS B 85 1.13 -26.93 11.72
CA HIS B 85 2.18 -26.47 12.64
C HIS B 85 1.67 -25.42 13.62
N GLU B 86 0.44 -24.96 13.39
CA GLU B 86 -0.23 -23.96 14.22
C GLU B 86 0.43 -22.57 14.19
N PHE B 87 0.28 -21.88 13.07
CA PHE B 87 0.64 -20.46 13.01
C PHE B 87 -0.40 -19.68 12.21
N LEU B 88 -0.48 -18.36 12.42
CA LEU B 88 -1.40 -17.56 11.61
C LEU B 88 -0.72 -17.10 10.34
N ILE B 89 -1.50 -16.87 9.29
CA ILE B 89 -0.96 -16.27 8.07
C ILE B 89 -1.30 -14.79 8.05
N PHE B 90 -0.26 -13.95 7.88
CA PHE B 90 -0.35 -12.48 7.88
C PHE B 90 0.19 -11.92 6.55
N GLU B 91 -0.70 -11.54 5.65
CA GLU B 91 -0.32 -10.91 4.38
C GLU B 91 -0.08 -9.42 4.62
N ASP B 92 1.18 -8.99 4.38
CA ASP B 92 1.66 -7.62 4.60
C ASP B 92 1.33 -6.71 3.40
N ARG B 93 0.04 -6.42 3.26
CA ARG B 93 -0.46 -5.70 2.09
CA ARG B 93 -0.50 -5.68 2.12
C ARG B 93 -0.41 -4.18 2.30
N LYS B 94 -0.49 -3.72 3.54
CA LYS B 94 -0.47 -2.29 3.83
C LYS B 94 -1.50 -1.58 2.99
N PHE B 95 -2.76 -2.00 3.11
CA PHE B 95 -3.85 -1.32 2.43
C PHE B 95 -3.75 0.13 2.83
N ALA B 96 -3.88 1.05 1.88
CA ALA B 96 -3.63 2.47 2.16
C ALA B 96 -4.37 3.38 1.19
N ASP B 97 -5.64 3.08 0.93
CA ASP B 97 -6.45 3.84 -0.04
C ASP B 97 -7.80 4.09 0.61
N ILE B 98 -8.71 4.71 -0.12
CA ILE B 98 -10.08 4.89 0.37
C ILE B 98 -10.80 3.54 0.53
N GLY B 99 -11.80 3.55 1.42
CA GLY B 99 -12.55 2.36 1.79
C GLY B 99 -13.11 1.58 0.62
N ASN B 100 -13.68 2.28 -0.35
CA ASN B 100 -14.32 1.60 -1.48
C ASN B 100 -13.31 0.81 -2.32
N THR B 101 -12.08 1.32 -2.42
CA THR B 101 -11.00 0.64 -3.16
C THR B 101 -10.40 -0.55 -2.39
N VAL B 102 -10.04 -0.34 -1.13
CA VAL B 102 -9.38 -1.39 -0.34
C VAL B 102 -10.29 -2.62 -0.16
N LYS B 103 -11.60 -2.39 -0.08
CA LYS B 103 -12.61 -3.46 -0.19
C LYS B 103 -12.29 -4.48 -1.29
N LYS B 104 -12.23 -3.98 -2.53
CA LYS B 104 -11.99 -4.83 -3.68
C LYS B 104 -10.61 -5.43 -3.63
N GLN B 105 -9.63 -4.62 -3.23
CA GLN B 105 -8.26 -5.13 -3.13
C GLN B 105 -8.16 -6.31 -2.16
N TYR B 106 -8.91 -6.24 -1.07
CA TYR B 106 -8.87 -7.25 -0.01
C TYR B 106 -9.62 -8.54 -0.40
N GLU B 107 -10.80 -8.39 -1.01
CA GLU B 107 -11.62 -9.56 -1.38
C GLU B 107 -11.27 -10.16 -2.73
N GLY B 108 -10.87 -9.31 -3.67
CA GLY B 108 -10.95 -9.67 -5.08
C GLY B 108 -9.64 -9.91 -5.81
N GLY B 109 -9.62 -9.53 -7.08
CA GLY B 109 -8.48 -9.76 -7.94
C GLY B 109 -8.00 -11.19 -7.97
N ILE B 110 -6.77 -11.37 -8.43
CA ILE B 110 -6.15 -12.69 -8.51
C ILE B 110 -5.75 -13.26 -7.14
N PHE B 111 -5.46 -12.40 -6.17
CA PHE B 111 -4.95 -12.91 -4.88
C PHE B 111 -6.05 -13.44 -3.95
N LYS B 112 -7.22 -12.79 -3.95
CA LYS B 112 -8.30 -13.09 -3.00
C LYS B 112 -7.79 -13.23 -1.57
N ILE B 113 -7.09 -12.18 -1.12
CA ILE B 113 -6.34 -12.18 0.13
C ILE B 113 -7.22 -12.57 1.32
N ALA B 114 -8.45 -12.07 1.32
CA ALA B 114 -9.41 -12.32 2.40
C ALA B 114 -9.76 -13.80 2.58
N SER B 115 -9.61 -14.58 1.53
CA SER B 115 -9.95 -15.99 1.53
C SER B 115 -8.90 -16.86 2.21
N TRP B 116 -7.72 -16.31 2.50
CA TRP B 116 -6.67 -17.08 3.18
C TRP B 116 -5.81 -16.35 4.23
N ALA B 117 -5.92 -15.02 4.36
CA ALA B 117 -5.12 -14.27 5.33
C ALA B 117 -5.87 -14.07 6.65
N ASP B 118 -5.36 -14.68 7.72
CA ASP B 118 -5.89 -14.45 9.05
C ASP B 118 -5.78 -12.98 9.40
N LEU B 119 -4.61 -12.41 9.11
CA LEU B 119 -4.38 -10.98 9.33
C LEU B 119 -3.88 -10.29 8.07
N VAL B 120 -4.19 -9.01 7.98
CA VAL B 120 -3.63 -8.15 6.98
C VAL B 120 -3.36 -6.88 7.77
N ASN B 121 -2.70 -5.92 7.15
CA ASN B 121 -2.42 -4.64 7.80
C ASN B 121 -2.87 -3.47 6.95
N ALA B 122 -2.91 -2.28 7.56
CA ALA B 122 -3.35 -1.12 6.84
C ALA B 122 -2.66 0.10 7.41
N HIS B 123 -2.38 1.03 6.51
CA HIS B 123 -1.86 2.33 6.90
C HIS B 123 -3.05 3.19 7.28
N VAL B 124 -2.87 4.08 8.26
CA VAL B 124 -3.97 4.91 8.74
C VAL B 124 -4.13 6.25 8.05
N VAL B 125 -3.12 6.65 7.26
CA VAL B 125 -3.11 7.95 6.56
C VAL B 125 -4.44 8.33 5.87
N PRO B 126 -5.16 7.38 5.22
CA PRO B 126 -6.45 7.72 4.60
C PRO B 126 -7.58 8.11 5.55
N GLY B 127 -7.41 7.86 6.84
CA GLY B 127 -8.48 8.06 7.81
C GLY B 127 -9.26 6.78 7.98
N SER B 128 -10.27 6.79 8.85
CA SER B 128 -10.94 5.56 9.29
C SER B 128 -11.67 4.75 8.21
N GLY B 129 -11.90 5.35 7.04
CA GLY B 129 -12.50 4.65 5.89
C GLY B 129 -11.74 3.44 5.38
N VAL B 130 -10.42 3.44 5.53
CA VAL B 130 -9.62 2.30 5.12
C VAL B 130 -9.99 1.05 5.96
N VAL B 131 -10.20 1.24 7.26
CA VAL B 131 -10.66 0.15 8.12
C VAL B 131 -12.15 -0.15 7.91
N LYS B 132 -13.01 0.87 7.92
CA LYS B 132 -14.43 0.66 7.59
C LYS B 132 -14.59 -0.16 6.29
N GLY B 133 -13.81 0.18 5.26
CA GLY B 133 -13.83 -0.59 4.00
C GLY B 133 -13.36 -2.02 4.11
N LEU B 134 -12.29 -2.24 4.87
CA LEU B 134 -11.74 -3.58 5.05
C LEU B 134 -12.68 -4.45 5.88
N GLN B 135 -13.26 -3.85 6.92
CA GLN B 135 -14.25 -4.51 7.80
C GLN B 135 -15.37 -5.21 7.05
N GLU B 136 -15.84 -4.57 5.99
CA GLU B 136 -16.95 -5.08 5.23
C GLU B 136 -16.61 -6.42 4.57
N VAL B 137 -15.33 -6.65 4.30
CA VAL B 137 -14.87 -7.97 3.80
C VAL B 137 -14.42 -8.86 4.98
N GLY B 138 -13.81 -8.24 5.98
CA GLY B 138 -13.16 -8.99 7.05
C GLY B 138 -14.08 -9.64 8.06
N LEU B 139 -15.09 -8.91 8.51
CA LEU B 139 -15.99 -9.42 9.54
C LEU B 139 -16.70 -10.70 9.07
N PRO B 140 -17.39 -10.64 7.91
CA PRO B 140 -17.96 -11.86 7.35
C PRO B 140 -17.01 -13.06 7.36
N LEU B 141 -15.77 -12.85 6.93
CA LEU B 141 -14.78 -13.94 6.86
C LEU B 141 -13.95 -14.07 8.17
N HIS B 142 -14.43 -13.47 9.26
CA HIS B 142 -13.90 -13.76 10.61
C HIS B 142 -12.40 -13.41 10.76
N ARG B 143 -11.97 -12.36 10.08
CA ARG B 143 -10.55 -11.99 9.99
C ARG B 143 -10.23 -10.80 10.89
N GLY B 144 -8.92 -10.58 11.07
CA GLY B 144 -8.40 -9.47 11.85
C GLY B 144 -7.43 -8.65 11.02
N CYS B 145 -7.22 -7.41 11.45
CA CYS B 145 -6.38 -6.44 10.77
C CYS B 145 -5.42 -5.83 11.79
N LEU B 146 -4.24 -5.39 11.31
CA LEU B 146 -3.27 -4.65 12.15
C LEU B 146 -3.06 -3.24 11.58
N LEU B 147 -3.03 -2.24 12.46
CA LEU B 147 -2.80 -0.83 12.06
C LEU B 147 -1.34 -0.40 12.25
N ILE B 148 -0.76 0.20 11.20
CA ILE B 148 0.61 0.63 11.24
C ILE B 148 0.69 1.94 12.04
N ALA B 149 1.14 1.83 13.28
CA ALA B 149 1.23 2.98 14.19
C ALA B 149 2.64 3.62 14.16
N GLU B 150 3.65 2.79 13.92
CA GLU B 150 5.04 3.22 13.82
C GLU B 150 5.72 2.39 12.76
N MET B 151 6.83 2.92 12.20
CA MET B 151 7.66 2.14 11.27
C MET B 151 9.14 2.21 11.72
N SER B 152 9.89 1.21 11.31
CA SER B 152 11.29 1.09 11.69
C SER B 152 12.26 1.83 10.74
N SER B 153 11.74 2.42 9.67
CA SER B 153 12.60 2.98 8.62
C SER B 153 13.05 4.39 8.97
N THR B 154 14.21 4.81 8.48
CA THR B 154 14.68 6.14 8.82
C THR B 154 13.81 7.17 8.08
N GLY B 155 13.41 8.20 8.81
CA GLY B 155 12.60 9.29 8.25
C GLY B 155 11.11 9.02 8.37
N SER B 156 10.74 7.94 9.05
CA SER B 156 9.33 7.57 9.20
C SER B 156 8.48 8.73 9.74
N LEU B 157 7.35 8.99 9.09
CA LEU B 157 6.43 10.06 9.52
C LEU B 157 5.34 9.55 10.49
N ALA B 158 5.33 8.24 10.76
CA ALA B 158 4.39 7.66 11.72
C ALA B 158 4.88 7.88 13.14
N THR B 159 4.75 9.12 13.60
CA THR B 159 5.26 9.58 14.89
C THR B 159 4.24 10.53 15.50
N GLY B 160 4.37 10.81 16.79
CA GLY B 160 3.51 11.79 17.46
C GLY B 160 2.02 11.61 17.21
N ASP B 161 1.39 12.69 16.74
CA ASP B 161 -0.06 12.73 16.48
C ASP B 161 -0.55 11.63 15.52
N TYR B 162 0.30 11.25 14.57
CA TYR B 162 -0.03 10.18 13.61
C TYR B 162 -0.18 8.86 14.35
N THR B 163 0.79 8.54 15.20
CA THR B 163 0.74 7.36 16.05
C THR B 163 -0.53 7.35 16.93
N ARG B 164 -0.80 8.45 17.61
CA ARG B 164 -1.99 8.56 18.46
C ARG B 164 -3.32 8.39 17.69
N ALA B 165 -3.36 8.81 16.44
CA ALA B 165 -4.52 8.59 15.56
C ALA B 165 -4.72 7.11 15.19
N ALA B 166 -3.62 6.40 14.97
CA ALA B 166 -3.66 4.97 14.67
C ALA B 166 -4.22 4.16 15.84
N VAL B 167 -3.79 4.49 17.05
CA VAL B 167 -4.30 3.84 18.25
C VAL B 167 -5.82 4.10 18.41
N ARG B 168 -6.23 5.37 18.33
CA ARG B 168 -7.65 5.75 18.39
C ARG B 168 -8.51 4.96 17.40
N MET B 169 -8.04 4.93 16.16
CA MET B 169 -8.71 4.20 15.09
C MET B 169 -8.89 2.75 15.49
N ALA B 170 -7.80 2.16 16.01
CA ALA B 170 -7.81 0.79 16.52
C ALA B 170 -8.88 0.56 17.58
N GLU B 171 -8.87 1.40 18.63
CA GLU B 171 -9.78 1.26 19.77
CA GLU B 171 -9.79 1.20 19.75
C GLU B 171 -11.26 1.38 19.35
N GLU B 172 -11.52 2.15 18.29
CA GLU B 172 -12.89 2.37 17.78
C GLU B 172 -13.34 1.36 16.72
N HIS B 173 -12.50 0.38 16.41
CA HIS B 173 -12.86 -0.66 15.43
C HIS B 173 -12.41 -2.01 15.96
N SER B 174 -12.62 -2.23 17.26
CA SER B 174 -12.08 -3.37 17.97
C SER B 174 -12.71 -4.70 17.57
N GLU B 175 -13.84 -4.65 16.86
CA GLU B 175 -14.44 -5.87 16.34
CA GLU B 175 -14.47 -5.85 16.32
C GLU B 175 -13.67 -6.38 15.13
N PHE B 176 -12.77 -5.54 14.58
CA PHE B 176 -11.93 -5.95 13.45
C PHE B 176 -10.43 -5.76 13.67
N VAL B 177 -10.02 -4.63 14.26
CA VAL B 177 -8.60 -4.37 14.53
C VAL B 177 -8.18 -5.05 15.84
N VAL B 178 -7.19 -5.93 15.75
CA VAL B 178 -6.72 -6.72 16.87
C VAL B 178 -5.36 -6.26 17.40
N GLY B 179 -4.77 -5.22 16.79
CA GLY B 179 -3.43 -4.83 17.14
C GLY B 179 -2.72 -3.93 16.16
N PHE B 180 -1.42 -3.76 16.39
CA PHE B 180 -0.62 -2.81 15.65
C PHE B 180 0.65 -3.41 15.12
N ILE B 181 1.12 -2.78 14.05
CA ILE B 181 2.54 -2.76 13.71
C ILE B 181 3.16 -1.54 14.39
N SER B 182 4.14 -1.79 15.25
CA SER B 182 4.76 -0.71 16.01
C SER B 182 6.16 -1.08 16.46
N GLY B 183 6.90 -0.08 16.92
CA GLY B 183 8.26 -0.27 17.45
C GLY B 183 8.26 -0.48 18.96
N SER B 184 7.10 -0.24 19.58
CA SER B 184 6.92 -0.45 20.99
C SER B 184 5.44 -0.59 21.28
N ARG B 185 5.11 -0.91 22.52
CA ARG B 185 3.73 -0.86 23.02
C ARG B 185 3.17 0.57 22.88
N VAL B 186 2.05 0.72 22.19
CA VAL B 186 1.44 2.04 22.01
C VAL B 186 0.00 2.16 22.54
N SER B 187 -0.61 1.01 22.85
CA SER B 187 -1.91 0.95 23.50
C SER B 187 -1.74 0.32 24.87
N MET B 188 -2.42 0.89 25.87
CA MET B 188 -2.46 0.34 27.23
C MET B 188 -3.53 -0.74 27.43
N LYS B 189 -4.21 -1.14 26.36
CA LYS B 189 -5.30 -2.11 26.45
C LYS B 189 -4.77 -3.49 26.06
N PRO B 190 -4.82 -4.45 27.00
CA PRO B 190 -4.18 -5.76 26.81
C PRO B 190 -4.80 -6.61 25.72
N GLU B 191 -5.99 -6.22 25.27
CA GLU B 191 -6.66 -6.89 24.18
C GLU B 191 -5.89 -6.75 22.86
N PHE B 192 -5.07 -5.70 22.72
CA PHE B 192 -4.38 -5.46 21.44
C PHE B 192 -2.99 -6.07 21.35
N LEU B 193 -2.70 -6.71 20.22
CA LEU B 193 -1.35 -7.20 19.90
C LEU B 193 -0.42 -6.09 19.41
N HIS B 194 0.86 -6.27 19.69
CA HIS B 194 1.92 -5.44 19.13
C HIS B 194 2.95 -6.29 18.39
N LEU B 195 3.14 -5.99 17.12
CA LEU B 195 4.15 -6.68 16.33
C LEU B 195 5.18 -5.67 15.83
N THR B 196 6.45 -6.03 15.97
CA THR B 196 7.56 -5.11 15.69
C THR B 196 8.55 -5.70 14.70
N PRO B 197 8.61 -5.11 13.48
CA PRO B 197 9.64 -5.44 12.53
C PRO B 197 10.86 -4.53 12.74
N GLY B 198 11.89 -4.75 11.93
CA GLY B 198 13.19 -4.12 12.14
C GLY B 198 13.89 -4.72 13.35
N VAL B 199 14.01 -6.04 13.34
CA VAL B 199 14.59 -6.79 14.45
C VAL B 199 15.72 -7.72 13.97
N GLN B 200 16.90 -7.54 14.57
CA GLN B 200 18.07 -8.44 14.40
C GLN B 200 18.79 -8.55 15.74
N LEU B 201 19.50 -9.64 15.96
CA LEU B 201 20.35 -9.78 17.17
C LEU B 201 21.48 -8.74 17.26
N GLU B 202 22.07 -8.41 16.10
CA GLU B 202 23.19 -7.46 16.04
C GLU B 202 22.69 -6.06 15.67
N ALA B 203 23.43 -5.04 16.07
CA ALA B 203 23.16 -3.66 15.62
C ALA B 203 23.33 -3.57 14.09
N GLY B 204 22.53 -2.70 13.48
CA GLY B 204 22.67 -2.47 12.04
C GLY B 204 21.43 -1.88 11.38
N GLY B 205 21.52 -1.78 10.06
CA GLY B 205 20.40 -1.43 9.20
C GLY B 205 20.59 -2.13 7.87
N ASP B 206 20.00 -1.58 6.82
CA ASP B 206 20.39 -1.92 5.46
C ASP B 206 20.70 -0.62 4.70
N ASN B 207 20.94 -0.74 3.41
CA ASN B 207 21.32 0.40 2.58
C ASN B 207 20.14 1.34 2.24
N LEU B 208 18.91 0.90 2.55
CA LEU B 208 17.69 1.62 2.16
C LEU B 208 16.77 1.92 3.35
N GLY B 209 17.33 2.50 4.42
CA GLY B 209 16.51 3.08 5.48
C GLY B 209 16.10 2.20 6.65
N GLN B 210 16.27 0.88 6.54
CA GLN B 210 15.90 -0.04 7.62
C GLN B 210 16.87 0.10 8.78
N GLN B 211 16.34 0.02 10.00
CA GLN B 211 17.11 0.18 11.24
C GLN B 211 16.72 -0.92 12.21
N TYR B 212 17.70 -1.66 12.72
CA TYR B 212 17.42 -2.83 13.54
C TYR B 212 17.55 -2.55 15.03
N ASN B 213 16.65 -3.13 15.82
CA ASN B 213 16.80 -3.20 17.27
C ASN B 213 16.73 -4.67 17.66
N SER B 214 17.26 -5.05 18.83
CA SER B 214 17.29 -6.47 19.22
C SER B 214 15.95 -6.89 19.83
N PRO B 215 15.65 -8.20 19.84
CA PRO B 215 14.44 -8.71 20.51
C PRO B 215 14.31 -8.29 21.98
N GLN B 216 15.41 -8.32 22.73
CA GLN B 216 15.37 -7.92 24.14
C GLN B 216 14.99 -6.44 24.27
N GLU B 217 15.56 -5.59 23.42
CA GLU B 217 15.17 -4.18 23.39
C GLU B 217 13.68 -4.04 23.08
N VAL B 218 13.22 -4.72 22.03
CA VAL B 218 11.89 -4.47 21.48
C VAL B 218 10.80 -5.08 22.38
N ILE B 219 10.96 -6.37 22.71
CA ILE B 219 10.01 -7.07 23.60
C ILE B 219 10.22 -6.70 25.06
N GLY B 220 11.47 -6.65 25.50
CA GLY B 220 11.80 -6.43 26.92
C GLY B 220 11.65 -4.99 27.35
N LYS B 221 12.38 -4.09 26.70
CA LYS B 221 12.41 -2.69 27.12
C LYS B 221 11.25 -1.87 26.53
N ARG B 222 10.86 -2.18 25.28
CA ARG B 222 9.81 -1.43 24.58
C ARG B 222 8.40 -2.05 24.73
N GLY B 223 8.32 -3.24 25.32
CA GLY B 223 7.03 -3.82 25.69
C GLY B 223 6.15 -4.34 24.55
N SER B 224 6.71 -4.53 23.36
CA SER B 224 5.97 -5.19 22.27
C SER B 224 5.75 -6.66 22.60
N ASP B 225 4.90 -7.35 21.82
CA ASP B 225 4.59 -8.78 22.01
C ASP B 225 5.29 -9.74 21.02
N ILE B 226 5.31 -9.38 19.74
CA ILE B 226 5.80 -10.28 18.68
C ILE B 226 6.91 -9.58 17.88
N ILE B 227 7.96 -10.31 17.54
CA ILE B 227 9.00 -9.75 16.68
C ILE B 227 8.80 -10.29 15.28
N ILE B 228 8.88 -9.40 14.29
CA ILE B 228 8.87 -9.81 12.89
C ILE B 228 10.33 -9.74 12.39
N VAL B 229 10.82 -10.83 11.81
CA VAL B 229 12.24 -10.99 11.47
C VAL B 229 12.34 -11.69 10.10
N GLY B 230 13.01 -11.05 9.14
CA GLY B 230 13.14 -11.62 7.78
C GLY B 230 14.57 -12.06 7.47
N ARG B 231 15.38 -11.13 6.96
CA ARG B 231 16.75 -11.42 6.56
C ARG B 231 17.61 -12.00 7.69
N GLY B 232 17.41 -11.49 8.91
CA GLY B 232 18.03 -12.07 10.10
C GLY B 232 17.96 -13.59 10.18
N ILE B 233 16.95 -14.19 9.54
CA ILE B 233 16.76 -15.64 9.52
C ILE B 233 16.97 -16.27 8.12
N ILE B 234 16.33 -15.69 7.10
CA ILE B 234 16.43 -16.23 5.74
C ILE B 234 17.86 -16.20 5.19
N SER B 235 18.61 -15.14 5.51
CA SER B 235 19.97 -15.01 4.97
C SER B 235 21.01 -15.83 5.73
N ALA B 236 20.66 -16.39 6.89
CA ALA B 236 21.57 -17.24 7.66
C ALA B 236 21.76 -18.57 6.95
N ALA B 237 22.91 -19.21 7.17
CA ALA B 237 23.17 -20.55 6.64
C ALA B 237 22.21 -21.56 7.23
N ASP B 238 22.03 -21.53 8.56
CA ASP B 238 21.12 -22.47 9.22
C ASP B 238 19.88 -21.72 9.66
N ARG B 239 18.83 -21.80 8.85
CA ARG B 239 17.57 -21.08 9.07
C ARG B 239 16.75 -21.63 10.24
N LEU B 240 16.84 -22.95 10.45
CA LEU B 240 16.27 -23.61 11.62
C LEU B 240 16.86 -23.08 12.94
N GLU B 241 18.20 -23.16 13.05
CA GLU B 241 18.92 -22.64 14.21
CA GLU B 241 18.86 -22.65 14.26
C GLU B 241 18.67 -21.14 14.38
N ALA B 242 18.67 -20.42 13.26
CA ALA B 242 18.42 -18.97 13.29
C ALA B 242 17.06 -18.66 13.92
N ALA B 243 16.03 -19.33 13.43
CA ALA B 243 14.66 -19.14 13.93
C ALA B 243 14.56 -19.44 15.44
N GLU B 244 15.24 -20.51 15.88
CA GLU B 244 15.25 -20.85 17.32
C GLU B 244 15.88 -19.75 18.16
N MET B 245 17.02 -19.20 17.72
CA MET B 245 17.68 -18.10 18.45
C MET B 245 16.74 -16.91 18.67
N TYR B 246 16.02 -16.50 17.62
CA TYR B 246 15.10 -15.37 17.71
C TYR B 246 13.89 -15.71 18.55
N ARG B 247 13.41 -16.95 18.42
CA ARG B 247 12.33 -17.42 19.25
C ARG B 247 12.71 -17.39 20.73
N LYS B 248 13.88 -17.92 21.05
CA LYS B 248 14.30 -18.02 22.44
C LYS B 248 14.61 -16.65 23.03
N ALA B 249 15.16 -15.77 22.20
CA ALA B 249 15.43 -14.39 22.58
C ALA B 249 14.14 -13.63 22.87
N ALA B 250 13.20 -13.67 21.93
CA ALA B 250 11.94 -12.97 22.13
C ALA B 250 11.12 -13.63 23.26
N TRP B 251 11.16 -14.96 23.37
CA TRP B 251 10.41 -15.63 24.43
C TRP B 251 10.95 -15.31 25.83
N GLU B 252 12.26 -15.29 26.01
CA GLU B 252 12.83 -14.99 27.33
C GLU B 252 12.59 -13.56 27.72
N ALA B 253 12.68 -12.65 26.74
CA ALA B 253 12.41 -11.24 26.97
C ALA B 253 10.97 -11.02 27.43
N TYR B 254 10.05 -11.80 26.89
CA TYR B 254 8.64 -11.76 27.31
C TYR B 254 8.47 -12.30 28.74
N LEU B 255 8.99 -13.51 28.98
CA LEU B 255 9.01 -14.08 30.34
C LEU B 255 9.59 -13.11 31.38
N SER B 256 10.74 -12.52 31.10
CA SER B 256 11.37 -11.56 32.01
C SER B 256 10.45 -10.37 32.31
N ARG B 257 9.70 -9.95 31.29
CA ARG B 257 8.81 -8.80 31.41
C ARG B 257 7.65 -9.06 32.36
N LEU B 258 7.15 -10.30 32.39
CA LEU B 258 6.14 -10.68 33.39
C LEU B 258 6.72 -10.71 34.80
#